data_4FWH
#
_entry.id   4FWH
#
_cell.length_a   115.995
_cell.length_b   115.995
_cell.length_c   136.124
_cell.angle_alpha   90.00
_cell.angle_beta   90.00
_cell.angle_gamma   120.00
#
_symmetry.space_group_name_H-M   'P 6'
#
loop_
_entity.id
_entity.type
_entity.pdbx_description
1 polymer 'TTC1975 peptidase'
2 non-polymer N-[(benzyloxy)carbonyl]-L-leucyl-N-[(1R)-1-(dihydroxyboranyl)-3-methylbutyl]-L-leucinamide
3 non-polymer 'PHOSPHATE ION'
4 water water
#
_entity_poly.entity_id   1
_entity_poly.type   'polypeptide(L)'
_entity_poly.pdbx_seq_one_letter_code
;MRLSYEALEWRTPIENSTEPVSLPPPPPFFGQERAREALELAIRGGFHAYLVGPPSLGKHEALLAYLSTQSVETPPDLLY
VPLSERKVAVLTLPSGQEIHLAEAVEGLLLEVNRLDELFRQGSFLREKTQLEARFKEAREQQLEALRREAQEAGFALSTN
GERLELTGPGPVPAELSARLEEVTLGSLAASAELEVALRRLRRDWALHYLNNRFEPLFQRFPQARAYLEALRARLARYAE
TGEPLDPAQWRPNLLTSSSSGTPPPIVYEPYATAPRLFGRLDYLVDRGVWSTNVSLIRPGAVHRAQGGYLILDALSLKRE
GTWEAFKRALRNGQVEPVTEPQAPAGLEVEPFPIQMQVILVGTPEAFEGLEEDPAFSELFRIRAEFSPTLPASPENCTAL
GGWLLAQGFQLTQGGLTRLYDEARRMAEQRDRMDARLVEIRALAEEAAVLGGGLLTAESVEQAIAAREHRSFLSEEEFLR
AVQEGVIRLRTTGRAVGEVNSLVVVEAAPYWGRPARLTARAAPGRDHLISIDREAGLGGQIFHKAVLTLAGYLRSRYIEH
GSLPVTISLAFEQNYVSIEGDSAGLAELVAALSAIGNLPLRQDLAVTGAVDQTGKVLAVGAINAKVEGFFRVCKALGLSG
TQGVILPEANLANLTLRAEVLEAVRAGQFHIYAVETAEQALEILAGARMEGFRGLQEKIRAGLEAFARLEEGHDKEDREK
LAAALEHHHHHH
;
_entity_poly.pdbx_strand_id   A
#
loop_
_chem_comp.id
_chem_comp.type
_chem_comp.name
_chem_comp.formula
CIX peptide-like N-[(benzyloxy)carbonyl]-L-leucyl-N-[(1R)-1-(dihydroxyboranyl)-3-methylbutyl]-L-leucinamide 'C25 H42 B N3 O6'
PO4 non-polymer 'PHOSPHATE ION' 'O4 P -3'
#
# COMPACT_ATOMS: atom_id res chain seq x y z
N MET A 1 -11.31 -8.93 29.02
CA MET A 1 -10.18 -8.49 29.86
C MET A 1 -9.98 -6.99 29.69
N ARG A 2 -9.35 -6.41 30.69
CA ARG A 2 -9.02 -5.01 30.65
C ARG A 2 -7.57 -4.86 30.22
N LEU A 3 -7.29 -3.93 29.30
CA LEU A 3 -5.92 -3.88 28.88
C LEU A 3 -5.26 -2.73 29.66
N SER A 4 -4.14 -3.00 30.34
CA SER A 4 -3.56 -2.04 31.26
C SER A 4 -2.81 -1.12 30.40
N TYR A 5 -2.42 0.01 30.95
CA TYR A 5 -1.51 0.89 30.28
C TYR A 5 -0.31 0.12 29.88
N GLU A 6 0.18 -0.74 30.79
CA GLU A 6 1.47 -1.52 30.50
C GLU A 6 1.31 -2.42 29.31
N ALA A 7 0.15 -3.11 29.21
CA ALA A 7 -0.10 -3.94 27.99
C ALA A 7 -0.15 -3.06 26.73
N LEU A 8 -0.67 -1.86 26.89
CA LEU A 8 -0.82 -1.01 25.70
C LEU A 8 0.47 -0.35 25.15
N GLU A 9 1.40 0.01 26.01
CA GLU A 9 2.53 0.77 25.57
C GLU A 9 3.41 -0.09 24.71
N TRP A 10 3.85 0.47 23.59
CA TRP A 10 4.46 -0.36 22.54
C TRP A 10 5.63 0.40 22.03
N ARG A 11 5.76 1.64 22.47
CA ARG A 11 6.90 2.48 22.04
C ARG A 11 8.20 1.98 22.63
N THR A 12 9.26 2.45 21.97
CA THR A 12 10.65 2.09 22.23
C THR A 12 11.24 3.05 23.27
N PRO A 13 11.86 2.50 24.32
CA PRO A 13 12.43 3.51 25.26
C PRO A 13 13.63 4.25 24.65
N ILE A 14 13.75 5.53 25.02
CA ILE A 14 14.81 6.34 24.39
C ILE A 14 15.89 6.70 25.43
N GLU A 15 17.15 6.61 25.04
CA GLU A 15 18.20 6.90 25.98
C GLU A 15 19.17 7.70 25.25
N ASN A 16 19.66 8.69 25.91
CA ASN A 16 20.44 9.72 25.25
C ASN A 16 19.90 10.32 23.89
N SER A 17 18.72 10.97 24.01
CA SER A 17 17.87 11.40 22.89
C SER A 17 18.62 12.29 21.88
N THR A 18 19.45 13.20 22.37
CA THR A 18 20.21 14.08 21.53
C THR A 18 21.47 13.65 20.95
N GLU A 19 21.92 12.50 21.33
CA GLU A 19 23.16 11.98 20.80
C GLU A 19 23.12 11.77 19.26
N PRO A 20 24.14 12.29 18.52
CA PRO A 20 24.23 12.05 17.11
C PRO A 20 24.29 10.57 16.76
N VAL A 21 23.80 10.17 15.58
CA VAL A 21 23.87 8.71 15.33
C VAL A 21 25.00 8.50 14.33
N SER A 22 25.73 7.43 14.48
CA SER A 22 26.79 7.18 13.56
C SER A 22 26.58 5.78 13.14
N LEU A 23 26.43 5.55 11.84
CA LEU A 23 26.14 4.19 11.32
C LEU A 23 26.44 4.10 9.86
N PRO A 24 26.91 2.94 9.48
CA PRO A 24 27.30 2.65 8.09
C PRO A 24 25.99 2.31 7.36
N PRO A 25 25.96 2.51 6.07
CA PRO A 25 24.80 2.28 5.21
C PRO A 25 24.51 0.81 4.98
N PRO A 26 23.22 0.35 5.18
CA PRO A 26 22.88 -1.08 4.93
C PRO A 26 23.01 -1.32 3.40
N PRO A 27 23.25 -2.56 2.98
CA PRO A 27 23.25 -2.84 1.55
C PRO A 27 21.87 -2.64 0.92
N PRO A 28 21.83 -2.49 -0.40
CA PRO A 28 20.54 -2.51 -1.09
C PRO A 28 19.79 -3.80 -0.74
N PHE A 29 18.49 -3.68 -0.46
CA PHE A 29 17.62 -4.84 -0.29
C PHE A 29 17.49 -5.38 1.10
N PHE A 30 17.87 -4.61 2.11
CA PHE A 30 17.82 -5.18 3.46
C PHE A 30 16.39 -5.38 3.84
N GLY A 31 16.15 -6.51 4.48
CA GLY A 31 14.84 -6.96 4.93
C GLY A 31 14.02 -7.33 3.69
N GLN A 32 14.69 -7.35 2.54
CA GLN A 32 13.99 -7.83 1.34
C GLN A 32 14.66 -9.06 0.70
N GLU A 33 14.58 -10.19 1.41
CA GLU A 33 15.40 -11.44 1.12
C GLU A 33 14.95 -12.02 -0.26
N ARG A 34 13.68 -12.24 -0.33
CA ARG A 34 13.03 -12.77 -1.49
C ARG A 34 13.30 -11.98 -2.74
N ALA A 35 13.15 -10.67 -2.72
CA ALA A 35 13.42 -9.86 -3.88
C ALA A 35 14.88 -9.80 -4.36
N ARG A 36 15.75 -9.75 -3.40
CA ARG A 36 17.19 -9.82 -3.64
C ARG A 36 17.56 -11.13 -4.32
N GLU A 37 17.09 -12.24 -3.76
CA GLU A 37 17.47 -13.53 -4.36
C GLU A 37 16.87 -13.71 -5.80
N ALA A 38 15.61 -13.31 -5.99
CA ALA A 38 14.96 -13.38 -7.30
C ALA A 38 15.83 -12.59 -8.19
N LEU A 39 16.17 -11.39 -7.78
CA LEU A 39 17.04 -10.56 -8.67
C LEU A 39 18.42 -11.17 -8.87
N GLU A 40 18.89 -11.97 -7.92
CA GLU A 40 20.21 -12.51 -8.16
C GLU A 40 20.14 -13.58 -9.21
N LEU A 41 19.10 -14.45 -9.12
CA LEU A 41 18.90 -15.48 -10.09
C LEU A 41 18.83 -14.85 -11.45
N ALA A 42 18.00 -13.81 -11.59
CA ALA A 42 17.81 -13.21 -12.88
C ALA A 42 19.15 -12.74 -13.46
N ILE A 43 20.05 -12.18 -12.62
CA ILE A 43 21.38 -11.70 -13.13
C ILE A 43 22.30 -12.88 -13.52
N ARG A 44 22.44 -13.85 -12.65
CA ARG A 44 23.38 -14.93 -13.00
C ARG A 44 22.83 -15.55 -14.32
N GLY A 45 21.50 -15.82 -14.36
CA GLY A 45 20.79 -16.44 -15.51
C GLY A 45 20.56 -15.66 -16.81
N GLY A 46 20.75 -14.34 -16.85
CA GLY A 46 20.42 -13.65 -18.12
C GLY A 46 18.93 -13.44 -18.28
N PHE A 47 18.11 -13.79 -17.27
CA PHE A 47 16.67 -13.64 -17.42
C PHE A 47 16.16 -12.15 -17.33
N HIS A 48 15.06 -11.83 -17.98
CA HIS A 48 14.30 -10.70 -17.66
C HIS A 48 13.51 -10.88 -16.40
N ALA A 49 13.32 -9.76 -15.71
CA ALA A 49 12.59 -9.92 -14.47
C ALA A 49 11.75 -8.68 -14.25
N TYR A 50 10.83 -8.81 -13.29
CA TYR A 50 10.04 -7.65 -12.85
C TYR A 50 10.11 -7.40 -11.35
N LEU A 51 10.18 -6.15 -10.95
CA LEU A 51 10.21 -5.69 -9.56
C LEU A 51 8.86 -5.19 -9.03
N VAL A 52 8.25 -5.89 -8.10
CA VAL A 52 6.85 -5.56 -7.83
C VAL A 52 6.73 -5.21 -6.40
N GLY A 53 6.02 -4.12 -6.17
CA GLY A 53 5.73 -3.76 -4.81
C GLY A 53 4.98 -2.47 -4.78
N PRO A 54 4.39 -2.14 -3.61
CA PRO A 54 3.56 -1.01 -3.46
C PRO A 54 4.36 0.25 -3.62
N PRO A 55 3.65 1.35 -3.73
CA PRO A 55 4.26 2.63 -4.07
C PRO A 55 5.11 3.15 -2.90
N SER A 56 6.13 3.94 -3.26
CA SER A 56 6.99 4.60 -2.25
C SER A 56 7.84 3.66 -1.38
N LEU A 57 8.27 2.55 -1.95
CA LEU A 57 9.10 1.63 -1.18
C LEU A 57 10.53 1.93 -1.52
N GLY A 58 10.77 2.68 -2.59
CA GLY A 58 12.11 2.88 -3.02
C GLY A 58 12.64 1.74 -3.92
N LYS A 59 11.77 1.05 -4.64
CA LYS A 59 12.22 -0.07 -5.45
C LYS A 59 13.31 0.33 -6.49
N HIS A 60 13.12 1.47 -7.12
CA HIS A 60 14.03 2.01 -8.12
C HIS A 60 15.39 2.30 -7.54
N GLU A 61 15.47 3.08 -6.47
CA GLU A 61 16.78 3.47 -6.00
C GLU A 61 17.49 2.22 -5.56
N ALA A 62 16.81 1.25 -4.96
CA ALA A 62 17.49 0.00 -4.55
C ALA A 62 18.04 -0.81 -5.74
N LEU A 63 17.22 -1.00 -6.76
CA LEU A 63 17.63 -1.64 -7.98
C LEU A 63 18.88 -0.92 -8.62
N LEU A 64 18.81 0.35 -8.79
CA LEU A 64 19.96 1.07 -9.36
C LEU A 64 21.26 0.97 -8.57
N ALA A 65 21.16 0.83 -7.24
CA ALA A 65 22.41 0.90 -6.50
C ALA A 65 22.90 -0.50 -6.57
N TYR A 66 21.94 -1.41 -6.49
CA TYR A 66 22.31 -2.79 -6.67
C TYR A 66 22.96 -3.14 -8.03
N LEU A 67 22.53 -2.46 -9.09
CA LEU A 67 23.11 -2.75 -10.41
C LEU A 67 24.48 -2.09 -10.59
N SER A 68 24.70 -0.98 -9.92
CA SER A 68 26.01 -0.31 -9.90
C SER A 68 27.16 -1.17 -9.33
N THR A 69 26.82 -2.24 -8.65
CA THR A 69 27.80 -3.11 -8.05
C THR A 69 28.02 -4.31 -8.94
N GLN A 70 27.39 -4.30 -10.12
CA GLN A 70 27.56 -5.42 -10.96
C GLN A 70 28.75 -5.21 -11.87
N SER A 71 29.27 -6.32 -12.37
CA SER A 71 30.43 -6.25 -13.28
C SER A 71 30.29 -7.20 -14.45
N VAL A 72 30.59 -6.75 -15.67
CA VAL A 72 30.61 -7.66 -16.84
C VAL A 72 31.42 -7.15 -18.04
N GLU A 73 31.52 -8.02 -19.06
CA GLU A 73 32.40 -7.77 -20.22
C GLU A 73 32.10 -6.39 -20.77
N THR A 74 33.15 -5.61 -20.95
CA THR A 74 33.05 -4.32 -21.60
C THR A 74 32.18 -4.49 -22.84
N PRO A 75 31.15 -3.63 -22.97
CA PRO A 75 30.22 -3.60 -24.11
C PRO A 75 30.85 -3.38 -25.52
N PRO A 76 30.49 -4.26 -26.49
CA PRO A 76 30.93 -4.11 -27.87
C PRO A 76 30.69 -2.70 -28.37
N ASP A 77 31.49 -2.30 -29.35
CA ASP A 77 31.14 -1.22 -30.27
C ASP A 77 29.79 -1.59 -30.86
N LEU A 78 28.89 -0.64 -30.91
CA LEU A 78 27.56 -0.96 -31.43
C LEU A 78 27.22 0.02 -32.53
N LEU A 79 26.78 -0.53 -33.67
CA LEU A 79 26.48 0.31 -34.86
C LEU A 79 25.43 -0.12 -35.94
N TYR A 80 24.99 0.89 -36.70
CA TYR A 80 24.26 0.79 -37.98
C TYR A 80 25.17 1.02 -39.18
N VAL A 81 25.33 -0.01 -40.02
CA VAL A 81 25.95 0.22 -41.32
C VAL A 81 24.98 -0.13 -42.46
N PRO A 82 25.12 0.57 -43.60
CA PRO A 82 24.28 0.34 -44.78
C PRO A 82 24.50 -1.00 -45.43
N LEU A 83 23.44 -1.55 -46.02
CA LEU A 83 23.57 -2.70 -46.92
C LEU A 83 23.23 -2.28 -48.37
N SER A 84 22.47 -1.18 -48.50
CA SER A 84 21.97 -0.69 -49.79
C SER A 84 22.06 0.82 -49.76
N GLU A 85 21.28 1.47 -50.59
CA GLU A 85 21.03 2.88 -50.40
C GLU A 85 19.65 3.08 -49.73
N ARG A 86 18.98 1.98 -49.39
CA ARG A 86 17.68 2.05 -48.68
C ARG A 86 17.66 1.16 -47.45
N LYS A 87 18.82 0.60 -47.10
CA LYS A 87 18.85 -0.41 -46.07
C LYS A 87 20.01 -0.23 -45.10
N VAL A 88 19.74 -0.57 -43.85
CA VAL A 88 20.71 -0.45 -42.78
C VAL A 88 20.62 -1.63 -41.85
N ALA A 89 21.73 -1.96 -41.24
CA ALA A 89 21.82 -3.09 -40.36
C ALA A 89 22.41 -2.63 -39.04
N VAL A 90 22.10 -3.37 -37.97
CA VAL A 90 22.75 -3.16 -36.69
C VAL A 90 23.91 -4.16 -36.57
N LEU A 91 25.09 -3.65 -36.27
CA LEU A 91 26.22 -4.56 -36.03
C LEU A 91 26.93 -4.41 -34.67
N THR A 92 27.58 -5.47 -34.24
CA THR A 92 28.49 -5.38 -33.10
C THR A 92 29.92 -5.69 -33.48
N LEU A 93 30.81 -4.88 -32.94
CA LEU A 93 32.23 -5.11 -33.06
C LEU A 93 32.79 -5.38 -31.66
N PRO A 94 33.98 -6.03 -31.57
CA PRO A 94 34.75 -5.90 -30.33
C PRO A 94 35.12 -4.44 -30.14
N SER A 95 35.18 -4.04 -28.87
CA SER A 95 35.08 -2.62 -28.44
C SER A 95 36.09 -1.66 -29.10
N GLY A 96 35.78 -0.35 -29.08
CA GLY A 96 36.70 0.74 -29.47
C GLY A 96 37.36 0.72 -30.85
N GLN A 97 37.09 -0.33 -31.63
CA GLN A 97 37.76 -0.58 -32.89
C GLN A 97 37.15 0.21 -34.05
N GLU A 98 36.18 1.05 -33.72
CA GLU A 98 35.43 1.72 -34.75
C GLU A 98 35.94 3.15 -34.85
N ILE A 99 37.02 3.44 -34.13
CA ILE A 99 37.74 4.68 -34.40
C ILE A 99 38.31 4.54 -35.81
N HIS A 100 38.31 3.28 -36.28
CA HIS A 100 38.62 2.93 -37.65
C HIS A 100 37.56 3.46 -38.58
N LEU A 101 37.95 4.38 -39.47
CA LEU A 101 37.06 4.92 -40.50
C LEU A 101 36.04 5.86 -39.86
N PHE A 218 39.13 -8.72 -45.00
CA PHE A 218 39.63 -7.43 -45.47
C PHE A 218 38.50 -6.43 -45.54
N GLN A 219 38.66 -5.29 -44.87
CA GLN A 219 39.91 -4.96 -44.20
C GLN A 219 40.03 -5.69 -42.84
N ARG A 220 40.83 -5.16 -41.91
CA ARG A 220 40.90 -5.77 -40.58
C ARG A 220 39.65 -5.42 -39.73
N PHE A 221 38.49 -5.51 -40.38
CA PHE A 221 37.20 -5.37 -39.72
C PHE A 221 36.39 -6.50 -40.31
N PRO A 222 36.92 -7.75 -40.22
CA PRO A 222 36.34 -8.89 -40.94
C PRO A 222 34.95 -9.30 -40.42
N GLN A 223 34.56 -8.78 -39.25
CA GLN A 223 33.27 -9.02 -38.59
C GLN A 223 32.13 -8.34 -39.34
N ALA A 224 32.50 -7.20 -39.93
CA ALA A 224 31.69 -6.47 -40.88
C ALA A 224 31.79 -7.03 -42.33
N ARG A 225 31.18 -8.20 -42.55
CA ARG A 225 31.17 -8.82 -43.89
C ARG A 225 30.54 -7.86 -44.91
N ALA A 226 29.24 -7.65 -44.75
CA ALA A 226 28.40 -6.95 -45.72
C ALA A 226 28.80 -5.51 -46.13
N TYR A 227 29.34 -4.72 -45.22
CA TYR A 227 29.55 -3.28 -45.49
C TYR A 227 30.88 -3.00 -46.20
N GLU A 229 31.36 -7.65 -49.20
CA GLU A 229 30.77 -6.52 -49.86
C GLU A 229 30.81 -5.27 -48.96
N ALA A 230 29.87 -4.33 -49.12
CA ALA A 230 28.94 -4.21 -50.25
C ALA A 230 28.92 -2.72 -50.47
N LEU A 231 29.96 -2.06 -49.94
CA LEU A 231 30.31 -0.73 -50.40
C LEU A 231 31.04 -0.79 -51.79
N ARG A 232 30.82 -1.88 -52.54
CA ARG A 232 31.33 -2.06 -53.90
C ARG A 232 30.26 -1.69 -54.94
N ARG A 237 32.09 0.26 -57.29
CA ARG A 237 31.80 0.37 -58.73
C ARG A 237 31.02 1.63 -59.10
N TYR A 238 31.36 2.73 -58.42
CA TYR A 238 30.64 3.99 -58.53
C TYR A 238 31.06 4.78 -59.75
N ALA A 239 32.27 4.53 -60.23
CA ALA A 239 32.79 5.27 -61.41
C ALA A 239 32.72 4.47 -62.72
N GLU A 240 32.04 3.31 -62.69
CA GLU A 240 31.69 2.59 -63.91
C GLU A 240 30.43 3.26 -64.47
N THR A 241 30.12 4.41 -63.87
CA THR A 241 28.92 5.18 -64.19
C THR A 241 29.12 6.67 -64.03
N GLY A 242 29.98 7.05 -63.09
CA GLY A 242 29.95 8.38 -62.51
C GLY A 242 28.79 8.45 -61.52
N GLU A 243 28.26 7.27 -61.17
CA GLU A 243 27.34 7.08 -60.04
C GLU A 243 28.04 7.66 -58.83
N PRO A 244 27.58 8.84 -58.40
CA PRO A 244 28.16 9.53 -57.27
C PRO A 244 27.41 9.19 -55.97
N TRP A 250 25.69 7.12 -45.97
CA TRP A 250 27.07 6.80 -46.35
C TRP A 250 28.00 6.25 -45.27
N ARG A 251 28.43 7.12 -44.35
CA ARG A 251 29.40 6.74 -43.32
C ARG A 251 28.80 5.76 -42.31
N PRO A 252 29.61 4.78 -41.85
CA PRO A 252 29.11 3.84 -40.85
C PRO A 252 28.84 4.66 -39.60
N ASN A 253 27.76 4.36 -38.89
CA ASN A 253 27.43 5.14 -37.73
C ASN A 253 27.76 4.35 -36.47
N LEU A 254 28.19 5.04 -35.40
CA LEU A 254 28.29 4.43 -34.05
C LEU A 254 27.12 4.86 -33.18
N LEU A 255 26.52 3.89 -32.53
CA LEU A 255 25.53 4.28 -31.52
C LEU A 255 26.21 4.30 -30.16
N THR A 256 26.70 3.13 -29.69
CA THR A 256 27.43 3.07 -28.42
C THR A 256 28.90 2.61 -28.59
N SER A 257 29.75 2.98 -27.62
CA SER A 257 31.03 2.27 -27.33
C SER A 257 31.43 2.56 -25.88
N SER A 258 32.39 1.79 -25.34
CA SER A 258 32.78 1.99 -23.92
C SER A 258 34.01 1.25 -23.32
N SER A 259 34.48 1.85 -22.22
CA SER A 259 35.76 1.49 -21.58
C SER A 259 35.68 0.20 -20.81
N SER A 260 34.69 0.08 -19.92
CA SER A 260 34.59 -1.07 -19.06
C SER A 260 33.15 -1.61 -18.94
N GLY A 261 33.05 -2.89 -18.60
CA GLY A 261 31.82 -3.54 -18.20
C GLY A 261 31.61 -3.47 -16.70
N THR A 262 32.18 -2.42 -16.10
CA THR A 262 31.93 -2.13 -14.69
C THR A 262 31.82 -0.62 -14.46
N PRO A 263 30.66 -0.15 -13.97
CA PRO A 263 29.50 -0.96 -13.85
C PRO A 263 28.86 -1.03 -15.24
N PRO A 264 28.06 -2.07 -15.50
CA PRO A 264 27.44 -2.21 -16.80
C PRO A 264 26.61 -1.00 -17.24
N PRO A 265 26.12 -1.05 -18.48
CA PRO A 265 25.00 -0.17 -18.86
C PRO A 265 23.75 -0.45 -17.96
N ILE A 266 23.20 0.61 -17.42
CA ILE A 266 22.00 0.53 -16.69
C ILE A 266 21.34 1.67 -17.33
N VAL A 267 20.17 1.41 -17.94
CA VAL A 267 19.41 2.51 -18.51
C VAL A 267 17.99 2.49 -18.03
N TYR A 268 17.56 3.64 -17.51
CA TYR A 268 16.25 3.73 -16.88
C TYR A 268 15.51 4.74 -17.65
N GLU A 269 14.60 4.28 -18.53
CA GLU A 269 13.71 5.17 -19.25
C GLU A 269 12.31 5.06 -18.59
N PRO A 270 11.92 6.04 -17.75
CA PRO A 270 10.65 6.02 -17.07
C PRO A 270 9.51 6.49 -18.01
N TYR A 271 9.85 7.14 -19.13
CA TYR A 271 8.82 7.60 -20.11
C TYR A 271 8.99 6.77 -21.39
N ALA A 272 8.16 5.71 -21.46
CA ALA A 272 8.33 4.59 -22.50
C ALA A 272 7.72 4.84 -23.89
N THR A 273 8.04 5.96 -24.52
CA THR A 273 7.47 6.23 -25.84
C THR A 273 8.32 5.47 -26.81
N ALA A 274 7.77 5.28 -28.00
CA ALA A 274 8.46 4.59 -29.07
C ALA A 274 9.81 5.22 -29.46
N PRO A 275 9.84 6.53 -29.72
CA PRO A 275 11.06 7.21 -30.03
C PRO A 275 12.06 7.02 -28.90
N ARG A 276 11.59 7.08 -27.63
CA ARG A 276 12.56 6.98 -26.51
C ARG A 276 13.06 5.54 -26.38
N LEU A 277 12.20 4.57 -26.62
CA LEU A 277 12.69 3.15 -26.62
C LEU A 277 13.53 2.81 -27.84
N PHE A 278 13.06 3.12 -29.04
CA PHE A 278 13.63 2.52 -30.24
C PHE A 278 14.41 3.47 -30.97
N GLY A 279 14.43 4.71 -30.52
CA GLY A 279 15.26 5.65 -31.28
C GLY A 279 14.49 6.22 -32.42
N ARG A 280 15.17 7.06 -33.18
CA ARG A 280 14.45 7.89 -34.13
C ARG A 280 15.21 8.10 -35.43
N LEU A 281 14.46 8.36 -36.49
CA LEU A 281 15.04 8.79 -37.75
C LEU A 281 14.64 10.24 -38.01
N ASP A 282 15.65 11.08 -38.28
CA ASP A 282 15.38 12.50 -38.56
C ASP A 282 15.57 12.71 -40.07
N TYR A 283 15.01 13.78 -40.62
CA TYR A 283 15.15 14.03 -42.08
C TYR A 283 15.85 15.30 -42.45
N LEU A 284 16.97 15.12 -43.13
CA LEU A 284 17.77 16.21 -43.64
C LEU A 284 17.37 16.43 -45.06
N VAL A 285 16.93 17.65 -45.31
CA VAL A 285 16.37 18.05 -46.60
C VAL A 285 17.39 17.85 -47.74
N TRP A 290 14.75 16.54 -48.03
CA TRP A 290 14.07 15.26 -47.86
C TRP A 290 14.90 14.11 -48.36
N SER A 291 16.02 13.86 -47.72
CA SER A 291 16.67 12.54 -47.91
C SER A 291 16.91 11.99 -46.52
N THR A 292 17.46 10.78 -46.47
CA THR A 292 17.97 10.23 -45.24
C THR A 292 18.97 9.12 -45.51
N ASN A 293 19.81 8.81 -44.53
CA ASN A 293 20.78 7.74 -44.75
C ASN A 293 21.15 7.32 -43.36
N VAL A 294 21.89 6.20 -43.25
CA VAL A 294 22.26 5.65 -41.95
C VAL A 294 22.59 6.75 -40.95
N SER A 295 23.44 7.70 -41.36
CA SER A 295 23.99 8.65 -40.44
C SER A 295 22.93 9.55 -39.76
N LEU A 296 21.72 9.63 -40.30
CA LEU A 296 20.63 10.39 -39.64
C LEU A 296 19.75 9.60 -38.61
N ILE A 297 20.26 8.49 -38.12
CA ILE A 297 19.53 7.58 -37.26
C ILE A 297 19.91 7.74 -35.78
N ARG A 298 18.99 8.23 -34.94
CA ARG A 298 19.33 8.40 -33.54
C ARG A 298 18.95 7.19 -32.60
N PRO A 299 19.86 6.84 -31.67
CA PRO A 299 19.68 5.69 -30.78
C PRO A 299 18.63 5.91 -29.75
N GLY A 300 18.15 4.79 -29.21
CA GLY A 300 17.02 4.68 -28.27
C GLY A 300 17.49 3.92 -27.05
N ALA A 301 16.64 3.87 -26.05
CA ALA A 301 17.09 3.34 -24.80
C ALA A 301 17.61 1.95 -25.06
N VAL A 302 16.98 1.27 -26.00
CA VAL A 302 17.17 -0.17 -26.15
C VAL A 302 18.58 -0.36 -26.68
N HIS A 303 19.00 0.62 -27.49
CA HIS A 303 20.31 0.60 -28.04
C HIS A 303 21.28 0.96 -26.94
N ARG A 304 20.92 1.93 -26.11
CA ARG A 304 21.89 2.33 -25.06
C ARG A 304 22.13 1.24 -24.04
N ALA A 305 21.18 0.31 -23.89
CA ALA A 305 21.22 -0.72 -22.86
C ALA A 305 21.88 -2.02 -23.26
N GLN A 306 22.24 -2.12 -24.53
CA GLN A 306 22.89 -3.37 -25.00
C GLN A 306 24.10 -3.83 -24.14
N GLY A 307 24.08 -5.11 -23.76
CA GLY A 307 25.03 -5.66 -22.85
C GLY A 307 24.81 -5.41 -21.37
N GLY A 308 23.77 -4.64 -21.04
CA GLY A 308 23.59 -4.15 -19.69
C GLY A 308 22.11 -4.15 -19.36
N TYR A 309 21.65 -3.09 -18.70
CA TYR A 309 20.30 -3.12 -18.15
C TYR A 309 19.37 -2.03 -18.65
N LEU A 310 18.15 -2.46 -18.95
CA LEU A 310 17.15 -1.48 -19.32
C LEU A 310 16.03 -1.61 -18.30
N ILE A 311 15.67 -0.48 -17.65
CA ILE A 311 14.69 -0.58 -16.59
C ILE A 311 13.55 0.27 -17.08
N LEU A 312 12.32 -0.25 -16.98
CA LEU A 312 11.18 0.49 -17.52
C LEU A 312 10.12 0.44 -16.60
N ASP A 313 9.16 1.38 -16.69
CA ASP A 313 8.02 1.31 -15.81
C ASP A 313 6.78 0.60 -16.45
N ALA A 314 6.23 -0.35 -15.71
CA ALA A 314 5.09 -1.12 -16.24
C ALA A 314 3.98 -0.22 -16.74
N LEU A 315 3.66 0.77 -15.89
CA LEU A 315 2.69 1.81 -16.16
C LEU A 315 2.95 2.57 -17.42
N SER A 316 4.19 3.02 -17.57
CA SER A 316 4.51 3.73 -18.76
C SER A 316 4.31 2.94 -20.05
N LEU A 317 4.80 1.67 -20.12
CA LEU A 317 4.55 0.92 -21.37
C LEU A 317 3.02 0.77 -21.66
N LYS A 318 2.23 0.51 -20.60
CA LYS A 318 0.80 0.57 -20.70
C LYS A 318 0.29 1.93 -21.26
N ARG A 319 0.44 2.98 -20.47
CA ARG A 319 0.04 4.34 -20.82
C ARG A 319 0.44 4.67 -22.27
N GLU A 320 1.63 4.30 -22.66
CA GLU A 320 2.14 4.89 -23.91
C GLU A 320 1.76 3.97 -25.06
N GLY A 321 0.91 2.94 -24.77
CA GLY A 321 0.60 1.84 -25.73
C GLY A 321 1.83 1.30 -26.46
N THR A 322 2.92 1.03 -25.72
CA THR A 322 4.12 0.47 -26.36
C THR A 322 4.41 -0.95 -26.02
N TRP A 323 3.55 -1.60 -25.29
CA TRP A 323 3.72 -2.98 -24.91
C TRP A 323 3.93 -3.98 -26.04
N GLU A 324 3.16 -3.89 -27.12
CA GLU A 324 3.30 -4.85 -28.21
C GLU A 324 4.56 -4.60 -28.97
N ALA A 325 4.85 -3.34 -29.22
CA ALA A 325 6.05 -3.04 -30.01
C ALA A 325 7.32 -3.48 -29.26
N PHE A 326 7.24 -3.47 -27.92
CA PHE A 326 8.38 -3.82 -27.09
C PHE A 326 8.55 -5.34 -27.01
N LYS A 327 7.43 -6.12 -26.92
CA LYS A 327 7.47 -7.58 -27.18
C LYS A 327 8.06 -7.96 -28.52
N ARG A 328 7.82 -7.15 -29.54
CA ARG A 328 8.27 -7.56 -30.80
C ARG A 328 9.80 -7.33 -30.75
N ALA A 329 10.24 -6.31 -29.98
CA ALA A 329 11.71 -6.10 -29.90
C ALA A 329 12.37 -7.26 -29.18
N LEU A 330 11.85 -7.65 -28.01
CA LEU A 330 12.33 -8.87 -27.33
C LEU A 330 12.10 -10.22 -28.06
N ARG A 331 10.86 -10.51 -28.49
CA ARG A 331 10.50 -11.81 -29.08
C ARG A 331 11.20 -12.02 -30.43
N ASN A 332 11.33 -10.95 -31.21
CA ASN A 332 11.63 -11.14 -32.61
C ASN A 332 12.79 -10.25 -33.07
N GLY A 333 13.44 -9.58 -32.14
CA GLY A 333 14.50 -8.68 -32.55
C GLY A 333 14.05 -7.42 -33.25
N GLN A 334 12.76 -7.08 -33.14
CA GLN A 334 12.25 -6.02 -34.03
C GLN A 334 12.45 -4.61 -33.44
N VAL A 335 13.43 -3.85 -33.95
CA VAL A 335 13.68 -2.49 -33.37
C VAL A 335 13.65 -1.30 -34.36
N GLU A 336 12.52 -0.57 -34.44
CA GLU A 336 12.28 0.36 -35.52
C GLU A 336 12.23 1.80 -35.07
N PRO A 337 13.21 2.55 -35.53
CA PRO A 337 13.33 3.96 -35.29
C PRO A 337 12.13 4.66 -35.88
N VAL A 338 11.60 5.62 -35.14
CA VAL A 338 10.42 6.31 -35.58
C VAL A 338 10.66 7.29 -36.73
N THR A 339 9.65 7.33 -37.63
CA THR A 339 9.51 8.24 -38.77
C THR A 339 8.32 9.23 -38.62
N GLU A 340 8.17 10.12 -39.61
CA GLU A 340 6.99 10.99 -39.67
C GLU A 340 5.93 10.43 -40.63
N PRO A 341 4.63 10.62 -40.31
CA PRO A 341 3.58 10.36 -41.28
C PRO A 341 4.08 10.52 -42.74
N ALA A 343 6.81 9.93 -44.86
CA ALA A 343 7.15 10.25 -46.25
C ALA A 343 8.43 11.09 -46.26
N PRO A 344 9.18 11.05 -47.39
CA PRO A 344 8.72 10.26 -48.54
C PRO A 344 9.39 8.87 -48.77
N ALA A 345 10.70 8.74 -48.53
CA ALA A 345 11.32 7.43 -48.60
C ALA A 345 11.95 7.02 -47.26
N GLY A 346 11.55 5.85 -46.77
CA GLY A 346 12.16 5.31 -45.55
C GLY A 346 13.32 4.37 -45.83
N LEU A 347 13.86 3.83 -44.76
CA LEU A 347 14.91 2.85 -44.83
C LEU A 347 14.42 1.57 -44.14
N GLU A 348 14.57 0.44 -44.82
CA GLU A 348 14.42 -0.85 -44.21
C GLU A 348 15.63 -1.04 -43.31
N VAL A 349 15.40 -1.52 -42.10
CA VAL A 349 16.49 -1.82 -41.22
C VAL A 349 16.26 -3.14 -40.53
N GLU A 350 17.22 -4.05 -40.70
CA GLU A 350 17.01 -5.45 -40.35
C GLU A 350 16.80 -5.67 -38.85
N PRO A 351 16.13 -6.75 -38.47
CA PRO A 351 16.17 -7.13 -37.07
C PRO A 351 17.63 -7.34 -36.72
N PHE A 352 17.92 -7.44 -35.43
CA PHE A 352 19.22 -7.90 -34.95
C PHE A 352 19.06 -8.52 -33.56
N PRO A 353 19.96 -9.43 -33.18
CA PRO A 353 19.86 -10.06 -31.88
C PRO A 353 20.05 -9.05 -30.73
N ILE A 354 19.18 -9.14 -29.74
CA ILE A 354 19.07 -8.13 -28.70
C ILE A 354 19.94 -8.63 -27.56
N GLN A 355 20.90 -7.80 -27.13
CA GLN A 355 21.65 -8.12 -25.92
C GLN A 355 21.26 -7.30 -24.72
N MET A 356 20.31 -7.77 -23.89
CA MET A 356 20.08 -7.00 -22.71
C MET A 356 19.23 -7.74 -21.72
N GLN A 357 19.34 -7.33 -20.47
CA GLN A 357 18.40 -7.78 -19.41
C GLN A 357 17.49 -6.57 -19.06
N VAL A 358 16.18 -6.77 -19.10
CA VAL A 358 15.23 -5.75 -18.89
C VAL A 358 14.56 -5.99 -17.57
N ILE A 359 14.38 -4.93 -16.81
CA ILE A 359 13.65 -5.11 -15.53
C ILE A 359 12.51 -4.16 -15.47
N LEU A 360 11.40 -4.64 -15.02
CA LEU A 360 10.25 -3.82 -15.13
C LEU A 360 10.01 -3.56 -13.74
N VAL A 361 9.45 -2.39 -13.45
CA VAL A 361 9.11 -2.03 -12.10
C VAL A 361 7.67 -1.53 -12.03
N GLY A 362 6.93 -1.89 -10.96
CA GLY A 362 5.59 -1.34 -10.77
C GLY A 362 4.95 -2.04 -9.55
N THR A 363 3.72 -1.69 -9.29
CA THR A 363 2.88 -2.24 -8.28
C THR A 363 2.26 -3.56 -8.67
N PRO A 364 1.75 -4.30 -7.67
CA PRO A 364 0.98 -5.52 -7.94
C PRO A 364 -0.06 -5.26 -9.00
N GLU A 365 -0.83 -4.20 -8.80
CA GLU A 365 -1.86 -3.79 -9.72
C GLU A 365 -1.27 -3.36 -11.07
N ALA A 366 -0.14 -2.65 -11.12
CA ALA A 366 0.40 -2.25 -12.41
C ALA A 366 0.62 -3.43 -13.29
N PHE A 367 0.95 -4.58 -12.69
CA PHE A 367 1.19 -5.80 -13.42
C PHE A 367 0.01 -6.53 -14.06
N GLU A 368 -1.20 -6.42 -13.47
CA GLU A 368 -2.33 -7.30 -13.91
C GLU A 368 -2.65 -7.10 -15.35
N GLY A 369 -2.69 -5.84 -15.77
CA GLY A 369 -2.87 -5.48 -17.16
C GLY A 369 -1.90 -6.33 -17.98
N LEU A 370 -0.65 -6.47 -17.50
CA LEU A 370 0.37 -7.18 -18.26
C LEU A 370 0.27 -8.70 -18.24
N GLU A 371 -0.02 -9.26 -17.09
CA GLU A 371 -0.02 -10.69 -16.87
C GLU A 371 -1.07 -11.36 -17.70
N GLU A 372 -2.14 -10.61 -17.95
CA GLU A 372 -3.25 -11.14 -18.67
C GLU A 372 -2.74 -11.56 -20.04
N ASP A 373 -1.58 -11.04 -20.45
CA ASP A 373 -0.92 -11.33 -21.72
C ASP A 373 0.07 -12.50 -21.57
N PRO A 374 -0.42 -13.70 -21.93
CA PRO A 374 0.42 -14.89 -21.86
C PRO A 374 1.84 -14.56 -22.31
N ALA A 375 2.04 -13.61 -23.23
CA ALA A 375 3.42 -13.19 -23.55
C ALA A 375 4.21 -12.66 -22.34
N PHE A 376 3.55 -12.20 -21.29
CA PHE A 376 4.25 -11.47 -20.25
C PHE A 376 5.08 -12.47 -19.49
N SER A 377 4.38 -13.35 -18.76
CA SER A 377 5.03 -14.46 -17.99
C SER A 377 6.07 -15.15 -18.83
N GLU A 378 5.85 -15.35 -20.15
CA GLU A 378 6.92 -15.94 -21.01
C GLU A 378 8.19 -15.12 -21.08
N LEU A 379 8.00 -13.84 -21.27
CA LEU A 379 9.13 -12.95 -21.37
C LEU A 379 9.74 -12.62 -19.95
N PHE A 380 8.91 -12.58 -18.92
CA PHE A 380 9.32 -12.03 -17.64
C PHE A 380 9.01 -13.10 -16.63
N ARG A 381 9.98 -13.99 -16.56
CA ARG A 381 9.94 -15.08 -15.68
C ARG A 381 10.21 -14.79 -14.20
N ILE A 382 11.09 -13.88 -13.88
CA ILE A 382 11.49 -13.81 -12.42
C ILE A 382 10.75 -12.72 -11.75
N ARG A 383 9.87 -13.07 -10.84
CA ARG A 383 9.19 -12.09 -9.99
C ARG A 383 10.11 -11.72 -8.81
N ALA A 384 10.45 -10.43 -8.66
CA ALA A 384 11.19 -9.93 -7.47
C ALA A 384 10.23 -9.11 -6.61
N GLU A 385 9.54 -9.71 -5.62
CA GLU A 385 8.48 -8.99 -4.88
C GLU A 385 8.99 -8.39 -3.54
N PHE A 386 8.76 -7.10 -3.31
CA PHE A 386 9.03 -6.49 -2.01
C PHE A 386 7.93 -6.77 -1.04
N SER A 387 8.31 -7.06 0.20
CA SER A 387 7.31 -7.11 1.23
C SER A 387 6.92 -5.66 1.63
N PRO A 388 5.64 -5.41 2.01
CA PRO A 388 5.21 -4.13 2.46
C PRO A 388 5.74 -3.76 3.83
N THR A 389 6.12 -4.74 4.60
CA THR A 389 6.55 -4.55 5.91
C THR A 389 7.68 -5.42 6.25
N LEU A 390 8.40 -4.95 7.28
CA LEU A 390 9.57 -5.61 7.77
C LEU A 390 9.29 -6.08 9.18
N PRO A 391 9.99 -7.16 9.61
CA PRO A 391 9.98 -7.40 11.01
C PRO A 391 10.46 -6.12 11.72
N ALA A 392 9.88 -5.84 12.88
CA ALA A 392 10.41 -4.75 13.75
C ALA A 392 11.50 -5.30 14.63
N SER A 393 12.74 -5.16 14.16
CA SER A 393 13.92 -5.69 14.87
C SER A 393 15.01 -4.61 15.02
N PRO A 394 15.99 -4.84 15.92
CA PRO A 394 17.09 -3.92 16.15
C PRO A 394 17.89 -3.79 14.97
N GLU A 395 18.02 -4.86 14.22
CA GLU A 395 18.81 -4.80 13.04
C GLU A 395 18.21 -3.92 11.97
N ASN A 396 16.90 -3.94 11.85
CA ASN A 396 16.28 -3.06 10.84
C ASN A 396 16.14 -1.62 11.36
N CYS A 397 15.96 -1.42 12.65
CA CYS A 397 16.04 -0.02 13.23
C CYS A 397 17.39 0.51 12.94
N THR A 398 18.37 -0.35 13.15
CA THR A 398 19.76 0.05 12.97
C THR A 398 19.99 0.26 11.49
N ALA A 399 19.50 -0.67 10.66
CA ALA A 399 19.56 -0.44 9.21
C ALA A 399 18.89 0.88 8.69
N LEU A 400 17.71 1.15 9.19
CA LEU A 400 17.03 2.43 8.85
C LEU A 400 17.90 3.63 9.29
N GLY A 401 18.54 3.49 10.46
CA GLY A 401 19.45 4.55 10.85
C GLY A 401 20.53 4.79 9.87
N GLY A 402 21.19 3.76 9.39
CA GLY A 402 22.33 4.08 8.49
C GLY A 402 21.76 4.59 7.20
N TRP A 403 20.63 4.06 6.79
CA TRP A 403 20.05 4.43 5.51
C TRP A 403 19.73 5.94 5.56
N LEU A 404 19.05 6.32 6.59
CA LEU A 404 18.82 7.80 6.75
C LEU A 404 20.08 8.61 6.75
N LEU A 405 21.15 8.11 7.38
CA LEU A 405 22.39 8.93 7.42
C LEU A 405 22.98 9.09 6.06
N ALA A 406 22.99 7.99 5.25
CA ALA A 406 23.57 8.07 3.88
C ALA A 406 22.81 9.05 3.05
N GLN A 407 21.51 9.17 3.33
CA GLN A 407 20.68 10.17 2.64
C GLN A 407 21.05 11.59 3.00
N GLY A 408 21.93 11.79 3.98
CA GLY A 408 22.41 13.17 4.41
C GLY A 408 21.69 13.74 5.66
N PHE A 409 20.88 12.92 6.35
CA PHE A 409 20.23 13.52 7.48
C PHE A 409 21.19 13.64 8.68
N GLN A 410 20.96 14.66 9.49
CA GLN A 410 21.67 14.78 10.81
C GLN A 410 20.72 14.19 11.82
N LEU A 411 21.00 12.99 12.32
CA LEU A 411 19.99 12.14 13.02
C LEU A 411 20.51 11.93 14.42
N THR A 412 19.61 11.97 15.40
CA THR A 412 19.90 11.75 16.78
C THR A 412 19.17 10.47 17.12
N GLN A 413 19.59 9.83 18.21
CA GLN A 413 19.00 8.54 18.59
C GLN A 413 17.49 8.68 18.85
N GLY A 414 17.10 9.72 19.57
CA GLY A 414 15.67 10.03 19.76
C GLY A 414 15.02 10.21 18.40
N GLY A 415 15.67 10.75 17.39
CA GLY A 415 14.96 11.05 16.12
C GLY A 415 14.81 9.72 15.35
N LEU A 416 15.81 8.81 15.45
CA LEU A 416 15.67 7.48 14.90
C LEU A 416 14.56 6.71 15.58
N THR A 417 14.61 6.59 16.87
CA THR A 417 13.53 5.80 17.54
C THR A 417 12.07 6.25 17.19
N ARG A 418 11.77 7.57 17.16
CA ARG A 418 10.42 8.02 16.89
C ARG A 418 10.02 7.63 15.44
N LEU A 419 10.93 7.78 14.48
CA LEU A 419 10.69 7.42 13.14
C LEU A 419 10.50 5.91 12.96
N TYR A 420 11.29 5.15 13.71
CA TYR A 420 11.21 3.69 13.54
C TYR A 420 9.87 3.32 14.17
N ASP A 421 9.48 3.94 15.25
CA ASP A 421 8.16 3.63 15.86
C ASP A 421 6.96 4.13 14.97
N GLU A 422 7.19 5.11 14.15
CA GLU A 422 6.08 5.64 13.39
C GLU A 422 5.84 4.63 12.28
N ALA A 423 6.97 4.11 11.83
CA ALA A 423 6.95 3.00 10.80
C ALA A 423 6.20 1.79 11.37
N ARG A 424 6.46 1.42 12.62
CA ARG A 424 5.70 0.36 13.16
C ARG A 424 4.26 0.79 13.09
N ARG A 425 4.02 2.10 13.43
CA ARG A 425 2.66 2.57 13.59
C ARG A 425 1.94 2.57 12.22
N MET A 426 2.62 3.10 11.20
CA MET A 426 2.13 3.16 9.84
C MET A 426 1.60 1.74 9.40
N ALA A 427 2.23 0.67 9.90
CA ALA A 427 1.84 -0.68 9.55
C ALA A 427 0.89 -1.25 10.52
N GLU A 428 0.45 -0.51 11.52
CA GLU A 428 -0.55 -1.05 12.45
C GLU A 428 -0.16 -2.38 12.96
N GLN A 429 1.17 -2.50 13.14
CA GLN A 429 1.79 -3.73 13.60
C GLN A 429 2.86 -3.43 14.59
N ARG A 430 2.60 -3.84 15.84
CA ARG A 430 3.63 -3.78 16.87
C ARG A 430 4.93 -4.45 16.50
N ASP A 431 4.84 -5.58 15.79
CA ASP A 431 5.98 -6.43 15.42
C ASP A 431 6.47 -6.29 13.99
N ARG A 432 5.92 -5.35 13.24
CA ARG A 432 6.39 -5.11 11.90
C ARG A 432 6.56 -3.68 11.74
N MET A 433 7.34 -3.34 10.75
CA MET A 433 7.59 -1.97 10.55
C MET A 433 7.38 -1.69 9.09
N ASP A 434 6.74 -0.56 8.76
CA ASP A 434 6.41 -0.28 7.38
C ASP A 434 7.66 -0.03 6.52
N ALA A 435 7.69 -0.65 5.30
CA ALA A 435 8.90 -0.77 4.61
C ALA A 435 9.11 0.35 3.60
N ARG A 436 8.14 1.24 3.46
CA ARG A 436 8.22 2.36 2.50
C ARG A 436 9.25 3.42 2.81
N LEU A 437 10.51 3.09 2.56
CA LEU A 437 11.59 4.03 2.80
C LEU A 437 11.29 5.44 2.31
N VAL A 438 10.66 5.57 1.19
CA VAL A 438 10.40 6.93 0.69
C VAL A 438 9.41 7.73 1.58
N GLU A 439 8.37 7.10 2.11
CA GLU A 439 7.46 7.75 3.05
C GLU A 439 8.23 8.16 4.26
N ILE A 440 9.15 7.30 4.71
CA ILE A 440 9.84 7.62 5.92
C ILE A 440 10.73 8.80 5.69
N ARG A 441 11.40 8.80 4.54
CA ARG A 441 12.26 9.89 4.22
C ARG A 441 11.44 11.20 4.13
N ALA A 442 10.27 11.14 3.52
CA ALA A 442 9.51 12.37 3.30
C ALA A 442 9.13 13.01 4.64
N LEU A 443 8.66 12.18 5.60
CA LEU A 443 8.37 12.62 6.95
C LEU A 443 9.64 13.19 7.63
N ALA A 444 10.76 12.49 7.47
CA ALA A 444 12.01 12.93 8.05
C ALA A 444 12.41 14.33 7.54
N GLU A 445 12.17 14.62 6.26
CA GLU A 445 12.53 15.90 5.63
C GLU A 445 11.67 17.03 6.27
N GLU A 446 10.46 16.67 6.71
CA GLU A 446 9.54 17.61 7.42
C GLU A 446 10.04 17.84 8.83
N ALA A 447 10.37 16.78 9.55
CA ALA A 447 10.93 16.86 10.91
C ALA A 447 12.18 17.65 10.86
N ALA A 448 13.01 17.46 9.83
CA ALA A 448 14.27 18.20 9.79
C ALA A 448 13.99 19.65 9.77
N VAL A 449 13.08 20.08 8.91
CA VAL A 449 12.79 21.51 8.89
C VAL A 449 12.35 22.07 10.24
N LEU A 450 11.46 21.37 10.94
CA LEU A 450 11.01 21.80 12.18
C LEU A 450 12.15 21.74 13.30
N GLY A 451 13.18 20.95 13.09
CA GLY A 451 14.25 20.88 14.06
C GLY A 451 15.43 21.71 13.64
N GLY A 452 15.23 22.58 12.66
CA GLY A 452 16.28 23.57 12.26
C GLY A 452 17.41 22.89 11.51
N GLY A 453 17.10 21.80 10.82
CA GLY A 453 18.21 20.99 10.23
C GLY A 453 18.57 19.78 11.08
N LEU A 454 18.05 19.68 12.29
CA LEU A 454 18.40 18.48 13.07
C LEU A 454 17.19 17.59 13.31
N LEU A 455 17.38 16.27 13.07
CA LEU A 455 16.37 15.32 13.20
C LEU A 455 16.28 14.62 14.57
N THR A 456 15.30 15.07 15.34
CA THR A 456 15.31 14.79 16.76
C THR A 456 13.99 14.10 17.08
N ALA A 457 13.88 13.54 18.24
CA ALA A 457 12.65 12.93 18.63
C ALA A 457 11.44 13.98 18.54
N GLU A 458 11.69 15.15 19.06
CA GLU A 458 10.61 16.15 19.06
C GLU A 458 10.23 16.57 17.68
N SER A 459 11.21 16.77 16.76
CA SER A 459 10.91 17.26 15.48
C SER A 459 10.03 16.28 14.65
N VAL A 460 10.31 14.99 14.83
CA VAL A 460 9.49 13.92 14.31
C VAL A 460 8.09 13.87 14.94
N GLU A 461 7.97 14.03 16.28
CA GLU A 461 6.66 14.01 16.91
C GLU A 461 5.88 15.26 16.41
N GLN A 462 6.60 16.36 16.13
CA GLN A 462 5.92 17.60 15.75
C GLN A 462 5.56 17.51 14.29
N ALA A 463 6.43 16.92 13.49
CA ALA A 463 6.12 16.81 12.05
C ALA A 463 4.93 15.86 11.83
N ILE A 464 4.77 14.92 12.73
CA ILE A 464 3.53 14.07 12.70
C ILE A 464 2.30 14.81 13.11
N ALA A 465 2.25 15.36 14.33
CA ALA A 465 1.15 16.24 14.69
C ALA A 465 0.79 17.42 13.61
N ALA A 466 1.74 18.04 12.95
CA ALA A 466 1.46 19.02 11.92
C ALA A 466 0.74 18.44 10.67
N ARG A 467 1.11 17.22 10.25
CA ARG A 467 0.42 16.53 9.18
C ARG A 467 -1.02 16.29 9.57
N GLU A 468 -1.28 15.90 10.85
CA GLU A 468 -2.65 15.68 11.37
C GLU A 468 -3.31 16.97 11.37
N HIS A 469 -2.58 18.09 11.64
CA HIS A 469 -3.23 19.45 11.68
C HIS A 469 -3.61 19.91 10.31
N ARG A 470 -2.80 19.59 9.33
CA ARG A 470 -3.00 20.06 8.00
C ARG A 470 -4.25 19.42 7.35
N SER A 471 -4.76 18.35 7.94
CA SER A 471 -5.82 17.56 7.34
C SER A 471 -6.91 17.47 8.35
N PHE A 472 -6.91 18.28 9.35
CA PHE A 472 -7.91 18.18 10.42
C PHE A 472 -9.21 18.96 10.19
N LEU A 473 -9.34 19.65 9.08
CA LEU A 473 -10.54 20.52 8.90
C LEU A 473 -11.81 19.80 9.00
N SER A 474 -11.95 18.64 8.33
CA SER A 474 -13.13 17.89 8.34
C SER A 474 -13.48 17.43 9.76
N GLU A 475 -12.51 17.10 10.57
CA GLU A 475 -12.71 16.65 11.98
C GLU A 475 -13.07 17.77 12.92
N GLU A 476 -12.39 18.86 12.67
CA GLU A 476 -12.73 20.03 13.51
C GLU A 476 -14.24 20.43 13.22
N GLU A 477 -14.68 20.35 11.96
CA GLU A 477 -16.13 20.53 11.64
C GLU A 477 -17.01 19.49 12.30
N PHE A 478 -16.51 18.26 12.36
CA PHE A 478 -17.35 17.27 12.98
C PHE A 478 -17.48 17.51 14.43
N LEU A 479 -16.42 17.97 15.10
CA LEU A 479 -16.43 18.01 16.58
C LEU A 479 -17.37 19.20 16.94
N ARG A 480 -17.18 20.33 16.26
CA ARG A 480 -18.05 21.48 16.44
C ARG A 480 -19.54 21.08 16.38
N ALA A 481 -19.90 20.31 15.34
CA ALA A 481 -21.29 19.84 15.10
C ALA A 481 -21.75 18.99 16.25
N VAL A 482 -20.86 18.13 16.75
CA VAL A 482 -21.24 17.24 17.84
C VAL A 482 -21.50 18.08 19.08
N GLN A 483 -20.60 19.02 19.31
CA GLN A 483 -20.68 19.92 20.51
C GLN A 483 -21.93 20.76 20.39
N GLU A 484 -22.27 21.08 19.15
CA GLU A 484 -23.45 21.84 18.91
C GLU A 484 -24.77 21.13 19.12
N GLY A 485 -24.79 19.80 19.11
CA GLY A 485 -26.02 18.92 19.16
C GLY A 485 -26.57 18.69 17.71
N VAL A 486 -25.82 19.20 16.70
CA VAL A 486 -26.14 19.05 15.25
C VAL A 486 -25.98 17.60 14.86
N ILE A 487 -24.98 16.91 15.45
CA ILE A 487 -24.88 15.46 15.42
C ILE A 487 -25.16 15.08 16.82
N ARG A 488 -26.21 14.30 17.02
CA ARG A 488 -26.56 13.82 18.32
C ARG A 488 -25.69 12.60 18.72
N LEU A 489 -24.86 12.75 19.71
CA LEU A 489 -24.09 11.56 20.21
C LEU A 489 -24.19 11.49 21.74
N ARG A 490 -24.13 10.30 22.33
CA ARG A 490 -24.08 10.26 23.84
C ARG A 490 -22.79 9.59 24.17
N THR A 491 -22.15 10.09 25.26
CA THR A 491 -20.93 9.57 25.75
C THR A 491 -20.87 9.40 27.19
N THR A 492 -22.01 9.42 27.82
CA THR A 492 -22.06 9.15 29.22
C THR A 492 -23.46 8.66 29.31
N GLY A 493 -23.79 7.99 30.39
CA GLY A 493 -25.16 7.52 30.67
C GLY A 493 -25.38 6.12 30.04
N ARG A 494 -26.63 5.77 29.89
CA ARG A 494 -26.95 4.46 29.43
C ARG A 494 -28.20 4.63 28.65
N ALA A 495 -28.52 3.65 27.80
CA ALA A 495 -29.73 3.67 27.07
C ALA A 495 -29.88 2.28 26.55
N VAL A 496 -31.12 1.98 26.31
CA VAL A 496 -31.51 0.69 25.71
C VAL A 496 -31.38 0.71 24.24
N GLY A 497 -30.74 -0.36 23.70
CA GLY A 497 -30.72 -0.55 22.23
C GLY A 497 -29.94 0.52 21.49
N GLU A 498 -28.96 1.14 22.17
CA GLU A 498 -28.10 2.13 21.49
C GLU A 498 -26.62 1.91 21.75
N VAL A 499 -25.74 2.22 20.79
CA VAL A 499 -24.39 1.94 20.99
C VAL A 499 -23.66 2.83 20.09
N ASN A 500 -22.53 3.26 20.58
CA ASN A 500 -21.54 4.02 19.74
C ASN A 500 -20.69 3.02 18.93
N SER A 501 -20.98 2.89 17.64
CA SER A 501 -20.10 2.03 16.82
C SER A 501 -19.02 2.97 16.28
N LEU A 502 -18.04 2.44 15.59
CA LEU A 502 -16.89 3.22 15.11
C LEU A 502 -16.67 2.95 13.63
N VAL A 503 -16.44 4.04 12.92
CA VAL A 503 -16.39 3.99 11.48
C VAL A 503 -15.18 4.71 11.12
N VAL A 504 -14.79 4.56 9.88
CA VAL A 504 -13.76 5.41 9.37
C VAL A 504 -14.20 6.09 8.12
N VAL A 505 -13.73 7.30 7.86
CA VAL A 505 -14.31 7.91 6.71
C VAL A 505 -13.31 7.78 5.62
N GLU A 506 -13.79 7.45 4.46
CA GLU A 506 -12.94 6.90 3.46
C GLU A 506 -12.25 7.94 2.55
N ALA A 507 -11.43 8.78 3.12
CA ALA A 507 -10.57 9.60 2.32
C ALA A 507 -9.34 9.74 3.22
N ALA A 508 -8.18 9.92 2.57
CA ALA A 508 -6.89 10.09 3.26
C ALA A 508 -7.02 11.35 4.12
N PRO A 509 -6.58 11.26 5.35
CA PRO A 509 -5.85 10.16 5.98
C PRO A 509 -6.69 9.23 6.83
N TYR A 510 -8.02 9.10 6.59
CA TYR A 510 -8.79 8.00 7.18
C TYR A 510 -8.96 8.19 8.65
N TRP A 511 -9.66 9.28 9.00
CA TRP A 511 -9.97 9.57 10.35
C TRP A 511 -10.97 8.62 10.76
N GLY A 512 -10.97 8.26 12.04
CA GLY A 512 -12.12 7.47 12.61
C GLY A 512 -13.13 8.33 13.45
N ARG A 513 -14.38 7.91 13.58
CA ARG A 513 -15.37 8.58 14.40
C ARG A 513 -16.34 7.60 14.96
N PRO A 514 -16.93 7.95 16.10
CA PRO A 514 -18.04 7.18 16.61
C PRO A 514 -19.29 7.47 15.67
N ALA A 515 -20.23 6.54 15.61
CA ALA A 515 -21.45 6.78 14.79
C ALA A 515 -22.55 6.12 15.60
N ARG A 516 -23.59 6.87 15.93
CA ARG A 516 -24.64 6.37 16.71
C ARG A 516 -25.44 5.26 16.03
N LEU A 517 -25.71 4.16 16.75
CA LEU A 517 -26.34 3.02 16.23
C LEU A 517 -27.58 2.59 17.08
N THR A 518 -28.75 2.45 16.45
CA THR A 518 -29.91 2.17 17.24
C THR A 518 -30.55 0.85 16.83
N ALA A 519 -31.14 0.16 17.77
CA ALA A 519 -31.75 -1.07 17.46
C ALA A 519 -33.06 -0.98 18.15
N ARG A 520 -34.14 -1.30 17.43
CA ARG A 520 -35.49 -1.21 17.97
C ARG A 520 -36.16 -2.59 17.81
N ALA A 521 -36.84 -3.04 18.81
CA ALA A 521 -37.47 -4.38 18.65
C ALA A 521 -38.96 -4.35 18.86
N ALA A 522 -39.67 -5.17 18.10
CA ALA A 522 -41.09 -5.28 18.22
C ALA A 522 -41.55 -6.68 17.93
N PRO A 523 -42.78 -7.03 18.35
CA PRO A 523 -43.40 -8.33 18.00
C PRO A 523 -43.32 -8.46 16.50
N GLY A 524 -42.75 -9.58 16.02
CA GLY A 524 -42.49 -9.76 14.57
C GLY A 524 -42.27 -11.21 14.15
N ARG A 525 -42.07 -11.41 12.85
CA ARG A 525 -41.90 -12.76 12.36
C ARG A 525 -40.44 -12.96 11.95
N ASP A 526 -39.53 -13.02 12.94
CA ASP A 526 -38.09 -13.27 12.71
C ASP A 526 -37.40 -12.44 11.54
N HIS A 527 -37.59 -11.15 11.62
CA HIS A 527 -37.14 -10.26 10.66
C HIS A 527 -36.12 -9.37 11.29
N LEU A 528 -34.94 -9.29 10.72
CA LEU A 528 -33.95 -8.35 11.15
C LEU A 528 -33.79 -7.34 10.03
N ILE A 529 -34.14 -6.08 10.32
CA ILE A 529 -34.07 -5.07 9.24
C ILE A 529 -32.86 -4.17 9.34
N SER A 530 -31.95 -4.31 8.41
CA SER A 530 -30.87 -3.30 8.27
C SER A 530 -31.36 -2.12 7.47
N ILE A 531 -31.70 -1.05 8.18
CA ILE A 531 -32.17 0.10 7.49
C ILE A 531 -31.19 0.72 6.47
N ASP A 532 -29.94 0.76 6.78
CA ASP A 532 -29.03 1.43 5.85
C ASP A 532 -28.91 0.57 4.54
N ARG A 533 -28.95 -0.76 4.70
CA ARG A 533 -28.87 -1.63 3.53
C ARG A 533 -30.05 -1.49 2.61
N GLU A 534 -31.25 -1.68 3.18
CA GLU A 534 -32.49 -1.47 2.57
C GLU A 534 -32.66 -0.14 1.84
N ALA A 535 -32.10 0.89 2.39
CA ALA A 535 -32.18 2.17 1.72
C ALA A 535 -31.02 2.26 0.68
N GLY A 536 -30.22 1.23 0.54
CA GLY A 536 -29.18 1.28 -0.58
C GLY A 536 -27.87 1.88 -0.13
N LEU A 537 -27.77 2.16 1.15
CA LEU A 537 -26.51 2.71 1.62
C LEU A 537 -25.56 1.59 2.02
N GLY A 538 -26.06 0.49 2.59
CA GLY A 538 -25.12 -0.60 2.95
C GLY A 538 -24.47 -1.34 1.76
N GLY A 539 -23.17 -1.69 1.89
CA GLY A 539 -22.52 -2.52 0.90
C GLY A 539 -22.74 -3.99 1.09
N GLN A 540 -22.12 -4.74 0.23
CA GLN A 540 -22.24 -6.28 0.34
C GLN A 540 -21.67 -6.93 1.62
N ILE A 541 -20.45 -6.55 1.97
CA ILE A 541 -19.93 -6.99 3.26
C ILE A 541 -20.75 -6.53 4.44
N PHE A 542 -21.37 -5.31 4.34
CA PHE A 542 -22.26 -4.84 5.44
C PHE A 542 -23.47 -5.69 5.55
N HIS A 543 -24.03 -5.98 4.37
CA HIS A 543 -25.15 -6.89 4.32
C HIS A 543 -24.75 -8.29 4.86
N LYS A 544 -23.67 -8.76 4.37
CA LYS A 544 -23.15 -10.12 4.89
C LYS A 544 -23.02 -10.11 6.42
N ALA A 545 -22.59 -8.98 7.03
CA ALA A 545 -22.53 -9.03 8.50
C ALA A 545 -23.87 -9.17 9.14
N VAL A 546 -24.87 -8.49 8.59
CA VAL A 546 -26.23 -8.47 9.13
C VAL A 546 -26.88 -9.82 9.08
N LEU A 547 -26.82 -10.43 7.90
CA LEU A 547 -27.15 -11.87 7.77
C LEU A 547 -26.40 -12.84 8.68
N THR A 548 -25.09 -12.61 8.85
CA THR A 548 -24.38 -13.51 9.75
C THR A 548 -25.07 -13.36 11.16
N LEU A 549 -25.46 -12.14 11.58
CA LEU A 549 -25.79 -12.01 13.02
C LEU A 549 -27.16 -12.62 13.20
N ALA A 550 -27.98 -12.54 12.16
CA ALA A 550 -29.30 -13.14 12.17
C ALA A 550 -29.24 -14.63 12.20
N GLY A 551 -28.25 -15.17 11.51
CA GLY A 551 -27.89 -16.59 11.65
C GLY A 551 -27.62 -16.92 13.11
N TYR A 552 -26.83 -16.08 13.77
CA TYR A 552 -26.62 -16.35 15.19
C TYR A 552 -27.89 -16.28 16.05
N LEU A 553 -28.70 -15.21 15.91
CA LEU A 553 -29.84 -14.99 16.75
C LEU A 553 -30.88 -16.05 16.64
N ARG A 554 -31.18 -16.38 15.41
CA ARG A 554 -32.20 -17.36 15.08
C ARG A 554 -31.81 -18.69 15.67
N SER A 555 -30.54 -19.03 15.48
CA SER A 555 -30.03 -20.33 15.96
C SER A 555 -29.83 -20.43 17.44
N ARG A 556 -29.51 -19.32 18.09
CA ARG A 556 -29.15 -19.32 19.54
C ARG A 556 -30.41 -19.31 20.42
N TYR A 557 -31.50 -18.72 19.93
CA TYR A 557 -32.74 -18.63 20.68
C TYR A 557 -33.81 -19.34 19.97
N ILE A 558 -34.13 -20.54 20.48
CA ILE A 558 -35.09 -21.38 19.77
C ILE A 558 -36.34 -21.81 20.52
N GLU A 559 -36.58 -21.31 21.72
CA GLU A 559 -37.70 -21.92 22.47
C GLU A 559 -39.02 -21.67 21.74
N HIS A 560 -39.12 -20.55 21.00
CA HIS A 560 -40.39 -20.15 20.44
C HIS A 560 -40.48 -20.58 19.04
N GLY A 561 -39.58 -21.45 18.63
CA GLY A 561 -39.53 -21.74 17.23
C GLY A 561 -38.88 -20.52 16.59
N SER A 562 -39.42 -20.06 15.47
CA SER A 562 -38.83 -18.90 14.84
C SER A 562 -38.80 -17.71 15.84
N LEU A 563 -37.90 -16.76 15.60
CA LEU A 563 -37.73 -15.64 16.48
C LEU A 563 -38.98 -14.81 16.46
N PRO A 564 -39.53 -14.47 17.66
CA PRO A 564 -40.79 -13.70 17.74
C PRO A 564 -40.55 -12.15 17.66
N VAL A 565 -39.53 -11.66 16.95
CA VAL A 565 -39.34 -10.24 16.90
C VAL A 565 -38.85 -9.70 15.57
N THR A 566 -39.22 -8.47 15.30
CA THR A 566 -38.63 -7.74 14.20
C THR A 566 -37.74 -6.73 14.83
N ILE A 567 -36.49 -6.73 14.39
CA ILE A 567 -35.54 -5.86 14.91
C ILE A 567 -34.94 -4.88 13.87
N SER A 568 -35.03 -3.59 14.15
CA SER A 568 -34.56 -2.67 13.17
C SER A 568 -33.35 -1.94 13.70
N LEU A 569 -32.38 -1.84 12.82
CA LEU A 569 -31.10 -1.30 13.08
C LEU A 569 -30.78 -0.13 12.23
N ALA A 570 -30.43 0.99 12.83
CA ALA A 570 -30.00 2.11 11.99
C ALA A 570 -28.77 2.84 12.46
N PHE A 571 -27.96 3.29 11.56
CA PHE A 571 -26.85 4.19 11.88
C PHE A 571 -27.35 5.60 11.74
N GLU A 572 -27.73 6.14 12.89
CA GLU A 572 -28.69 7.28 12.95
C GLU A 572 -28.14 8.49 12.11
N GLN A 573 -26.96 8.88 12.19
CA GLN A 573 -27.04 10.11 11.21
C GLN A 573 -26.35 9.95 9.88
N ASN A 574 -26.39 8.72 9.33
CA ASN A 574 -25.58 8.43 8.20
C ASN A 574 -26.34 8.66 6.86
N TYR A 575 -25.66 9.32 5.93
CA TYR A 575 -26.25 9.79 4.70
C TYR A 575 -25.47 9.18 3.55
N VAL A 576 -24.54 8.28 3.87
CA VAL A 576 -23.45 7.96 2.96
C VAL A 576 -23.30 6.43 2.95
N SER A 577 -22.61 5.87 1.98
CA SER A 577 -22.43 4.43 1.95
C SER A 577 -21.58 3.98 3.12
N ILE A 578 -21.94 2.86 3.73
CA ILE A 578 -21.19 2.34 4.85
C ILE A 578 -20.94 0.99 4.31
N GLU A 579 -19.75 0.49 4.59
CA GLU A 579 -19.38 -0.85 4.09
C GLU A 579 -18.36 -1.48 5.03
N GLY A 580 -18.48 -2.78 5.23
CA GLY A 580 -17.57 -3.55 6.02
C GLY A 580 -18.34 -4.32 7.08
N ASP A 581 -17.66 -5.23 7.81
CA ASP A 581 -18.29 -6.13 8.78
C ASP A 581 -17.89 -5.68 10.15
N SER A 582 -17.15 -4.64 10.23
CA SER A 582 -16.72 -4.26 11.63
C SER A 582 -17.72 -3.67 12.54
N ALA A 583 -19.00 -3.63 12.18
CA ALA A 583 -20.00 -3.06 13.08
C ALA A 583 -20.88 -4.23 13.56
N GLY A 584 -20.54 -5.51 13.18
CA GLY A 584 -21.40 -6.64 13.52
C GLY A 584 -21.56 -6.86 14.97
N LEU A 585 -20.46 -6.68 15.74
CA LEU A 585 -20.53 -6.79 17.16
C LEU A 585 -21.40 -5.69 17.74
N ALA A 586 -21.21 -4.43 17.32
CA ALA A 586 -22.16 -3.33 17.83
C ALA A 586 -23.57 -3.63 17.46
N GLU A 587 -23.79 -4.05 16.19
CA GLU A 587 -25.19 -4.44 15.87
C GLU A 587 -25.83 -5.52 16.72
N LEU A 588 -25.08 -6.55 17.08
CA LEU A 588 -25.70 -7.62 17.76
C LEU A 588 -25.95 -7.32 19.27
N VAL A 589 -25.04 -6.60 19.93
CA VAL A 589 -25.31 -6.24 21.31
C VAL A 589 -26.49 -5.31 21.33
N ALA A 590 -26.60 -4.44 20.32
CA ALA A 590 -27.75 -3.57 20.26
C ALA A 590 -29.02 -4.37 20.10
N ALA A 591 -28.95 -5.43 19.28
CA ALA A 591 -30.14 -6.22 19.13
C ALA A 591 -30.48 -6.85 20.40
N LEU A 592 -29.48 -7.39 21.10
CA LEU A 592 -29.76 -8.18 22.31
C LEU A 592 -30.31 -7.24 23.35
N SER A 593 -29.76 -6.03 23.42
CA SER A 593 -30.31 -5.01 24.38
C SER A 593 -31.76 -4.63 24.12
N ALA A 594 -32.10 -4.38 22.86
CA ALA A 594 -33.49 -4.13 22.52
C ALA A 594 -34.34 -5.37 22.88
N ILE A 595 -33.82 -6.59 22.73
CA ILE A 595 -34.70 -7.73 22.98
C ILE A 595 -34.92 -7.80 24.49
N GLY A 596 -33.85 -7.68 25.27
CA GLY A 596 -33.91 -7.85 26.72
C GLY A 596 -34.30 -6.58 27.46
N ASN A 597 -34.45 -5.46 26.76
CA ASN A 597 -34.68 -4.21 27.38
C ASN A 597 -33.50 -3.92 28.29
N LEU A 598 -32.29 -3.86 27.77
CA LEU A 598 -31.10 -3.79 28.69
C LEU A 598 -30.27 -2.60 28.42
N PRO A 599 -30.12 -1.77 29.46
CA PRO A 599 -29.52 -0.46 29.24
C PRO A 599 -28.07 -0.66 29.09
N LEU A 600 -27.48 0.00 28.10
CA LEU A 600 -26.06 -0.15 27.78
C LEU A 600 -25.34 1.15 28.02
N ARG A 601 -24.10 1.02 28.45
CA ARG A 601 -23.20 2.09 28.69
C ARG A 601 -22.93 2.86 27.37
N GLN A 602 -23.18 4.16 27.38
CA GLN A 602 -22.85 4.96 26.24
C GLN A 602 -21.48 5.61 26.26
N ASP A 603 -20.74 5.46 27.34
CA ASP A 603 -19.34 5.96 27.39
C ASP A 603 -18.36 4.94 26.83
N LEU A 604 -18.81 3.73 26.45
CA LEU A 604 -17.89 2.81 25.71
C LEU A 604 -18.35 2.56 24.25
N ALA A 605 -17.48 2.82 23.30
CA ALA A 605 -17.66 2.52 21.94
C ALA A 605 -17.27 1.09 21.59
N VAL A 606 -17.83 0.56 20.48
CA VAL A 606 -17.58 -0.79 20.08
C VAL A 606 -17.10 -1.02 18.65
N THR A 607 -16.10 -1.87 18.43
CA THR A 607 -15.78 -2.30 17.11
C THR A 607 -15.41 -3.78 17.19
N GLY A 608 -15.88 -4.52 16.20
CA GLY A 608 -15.51 -5.94 16.07
C GLY A 608 -16.42 -6.61 15.05
N ALA A 609 -15.90 -7.60 14.35
CA ALA A 609 -16.81 -8.38 13.45
C ALA A 609 -17.41 -9.59 14.23
N VAL A 610 -18.56 -10.12 13.81
CA VAL A 610 -18.91 -11.42 14.39
C VAL A 610 -19.14 -12.55 13.39
N ASP A 611 -18.93 -13.78 13.85
CA ASP A 611 -19.26 -14.97 13.07
C ASP A 611 -20.59 -15.55 13.60
N GLN A 612 -21.02 -16.65 12.99
CA GLN A 612 -22.32 -17.21 13.19
C GLN A 612 -22.43 -17.82 14.49
N THR A 613 -21.27 -18.09 15.12
CA THR A 613 -21.28 -18.70 16.42
C THR A 613 -21.21 -17.59 17.51
N GLY A 614 -21.08 -16.31 17.10
CA GLY A 614 -21.05 -15.16 18.03
C GLY A 614 -19.67 -14.87 18.59
N LYS A 615 -18.69 -15.48 17.99
CA LYS A 615 -17.33 -15.18 18.34
C LYS A 615 -17.03 -13.85 17.73
N VAL A 616 -16.09 -13.12 18.27
CA VAL A 616 -15.76 -11.83 17.76
C VAL A 616 -14.45 -11.95 17.05
N LEU A 617 -14.34 -11.28 15.94
CA LEU A 617 -13.31 -11.45 14.94
C LEU A 617 -12.66 -10.15 14.72
N ALA A 618 -11.40 -10.24 14.35
CA ALA A 618 -10.56 -9.09 14.17
C ALA A 618 -11.14 -8.18 13.11
N VAL A 619 -10.88 -6.89 13.26
CA VAL A 619 -11.20 -5.94 12.25
C VAL A 619 -9.96 -5.07 11.98
N GLY A 620 -10.12 -3.95 11.30
CA GLY A 620 -8.95 -3.16 10.80
C GLY A 620 -9.08 -1.72 11.28
N ALA A 621 -8.18 -0.87 10.84
CA ALA A 621 -8.05 0.54 11.21
C ALA A 621 -8.26 0.79 12.74
N ILE A 622 -7.66 -0.02 13.60
CA ILE A 622 -8.06 0.03 14.98
C ILE A 622 -7.56 1.29 15.72
N ASN A 623 -6.38 1.75 15.41
CA ASN A 623 -5.84 2.88 16.07
C ASN A 623 -6.85 4.04 15.71
N ALA A 624 -7.31 4.12 14.47
CA ALA A 624 -8.11 5.27 14.07
C ALA A 624 -9.40 5.21 14.79
N LYS A 625 -9.94 4.02 14.89
CA LYS A 625 -11.23 3.90 15.61
C LYS A 625 -11.11 4.38 17.04
N VAL A 626 -10.10 3.89 17.77
CA VAL A 626 -10.05 4.17 19.22
C VAL A 626 -9.80 5.69 19.41
N GLU A 627 -8.90 6.26 18.62
CA GLU A 627 -8.46 7.58 18.80
C GLU A 627 -9.51 8.53 18.39
N GLY A 628 -10.40 8.03 17.54
CA GLY A 628 -11.61 8.72 17.16
C GLY A 628 -12.70 8.83 18.23
N PHE A 629 -12.94 7.80 19.00
CA PHE A 629 -13.80 7.99 20.18
C PHE A 629 -13.13 8.85 21.25
N PHE A 630 -11.84 8.65 21.44
CA PHE A 630 -11.14 9.56 22.38
C PHE A 630 -11.27 11.05 22.00
N ARG A 631 -11.18 11.39 20.75
CA ARG A 631 -11.38 12.81 20.40
C ARG A 631 -12.81 13.26 20.76
N VAL A 632 -13.78 12.43 20.45
CA VAL A 632 -15.18 12.83 20.77
C VAL A 632 -15.33 13.03 22.25
N CYS A 633 -14.71 12.17 23.05
CA CYS A 633 -14.94 12.22 24.45
C CYS A 633 -14.22 13.45 25.06
N LYS A 634 -13.07 13.74 24.52
CA LYS A 634 -12.24 14.80 25.03
C LYS A 634 -12.89 16.18 24.67
N ALA A 635 -13.38 16.31 23.46
CA ALA A 635 -14.18 17.45 22.97
C ALA A 635 -15.44 17.70 23.78
N LEU A 636 -16.06 16.63 24.28
CA LEU A 636 -17.19 16.82 25.08
C LEU A 636 -16.75 16.82 26.53
N GLY A 637 -15.52 16.48 26.86
CA GLY A 637 -15.10 16.50 28.27
C GLY A 637 -15.16 15.14 28.90
N LEU A 638 -14.00 14.62 29.30
CA LEU A 638 -13.87 13.26 29.63
C LEU A 638 -14.60 12.99 30.90
N SER A 639 -15.34 11.89 30.95
CA SER A 639 -16.03 11.46 32.21
C SER A 639 -15.04 10.83 33.22
N GLY A 640 -13.98 10.24 32.71
CA GLY A 640 -13.21 9.33 33.51
C GLY A 640 -13.50 7.87 33.23
N THR A 641 -14.66 7.58 32.67
CA THR A 641 -15.06 6.15 32.50
C THR A 641 -15.13 5.69 31.07
N GLN A 642 -14.70 6.55 30.17
CA GLN A 642 -14.89 6.24 28.76
C GLN A 642 -13.91 5.25 28.24
N GLY A 643 -14.19 4.63 27.08
CA GLY A 643 -13.32 3.59 26.53
C GLY A 643 -13.78 2.97 25.20
N VAL A 644 -13.18 1.85 24.82
CA VAL A 644 -13.62 1.18 23.59
C VAL A 644 -13.55 -0.29 23.88
N ILE A 645 -14.55 -1.05 23.37
CA ILE A 645 -14.42 -2.44 23.42
C ILE A 645 -14.00 -2.90 22.04
N LEU A 646 -13.06 -3.85 21.98
CA LEU A 646 -12.57 -4.32 20.70
C LEU A 646 -12.17 -5.77 20.78
N PRO A 647 -11.95 -6.44 19.64
CA PRO A 647 -11.53 -7.88 19.63
C PRO A 647 -10.13 -8.13 20.15
N GLU A 648 -10.05 -9.13 20.97
CA GLU A 648 -8.76 -9.58 21.54
C GLU A 648 -7.74 -9.90 20.49
N ALA A 649 -8.30 -10.24 19.34
CA ALA A 649 -7.65 -10.65 18.18
C ALA A 649 -6.86 -9.51 17.64
N ASN A 650 -7.17 -8.27 18.09
CA ASN A 650 -6.45 -7.13 17.46
C ASN A 650 -5.44 -6.51 18.46
N LEU A 651 -5.12 -7.20 19.57
CA LEU A 651 -4.06 -6.66 20.53
C LEU A 651 -2.77 -6.18 19.95
N ALA A 652 -2.28 -6.88 18.95
CA ALA A 652 -0.97 -6.56 18.33
C ALA A 652 -1.04 -5.42 17.30
N ASN A 653 -2.30 -5.07 16.92
CA ASN A 653 -2.48 -3.93 16.07
C ASN A 653 -2.49 -2.57 16.83
N LEU A 654 -2.81 -2.58 18.15
CA LEU A 654 -2.80 -1.31 18.98
C LEU A 654 -1.47 -0.59 19.03
N THR A 655 -1.29 0.41 18.17
CA THR A 655 -0.15 1.29 18.32
C THR A 655 -0.58 2.69 18.53
N LEU A 656 -1.24 2.90 19.68
CA LEU A 656 -1.97 4.16 20.02
C LEU A 656 -1.11 5.38 20.28
N ARG A 657 -1.61 6.57 19.91
CA ARG A 657 -0.82 7.78 20.00
C ARG A 657 -0.62 8.11 21.47
N ALA A 658 0.36 8.94 21.77
CA ALA A 658 0.69 9.17 23.22
C ALA A 658 -0.43 9.63 24.06
N GLU A 659 -1.24 10.53 23.50
CA GLU A 659 -2.24 11.16 24.34
C GLU A 659 -3.30 10.14 24.78
N VAL A 660 -3.53 9.17 23.94
CA VAL A 660 -4.44 8.18 24.29
C VAL A 660 -3.86 7.25 25.33
N LEU A 661 -2.61 6.85 25.11
CA LEU A 661 -1.85 6.01 26.08
C LEU A 661 -1.79 6.75 27.46
N GLU A 662 -1.47 8.00 27.46
CA GLU A 662 -1.45 8.71 28.81
C GLU A 662 -2.77 8.68 29.52
N ALA A 663 -3.84 8.82 28.73
CA ALA A 663 -5.10 8.90 29.31
C ALA A 663 -5.43 7.58 29.91
N VAL A 664 -4.98 6.48 29.24
CA VAL A 664 -5.15 5.14 29.79
C VAL A 664 -4.32 4.93 31.08
N ARG A 665 -3.06 5.37 31.01
CA ARG A 665 -2.22 5.42 32.23
C ARG A 665 -2.84 6.19 33.42
N ALA A 666 -3.67 7.26 33.12
CA ALA A 666 -4.26 8.08 34.16
C ALA A 666 -5.60 7.59 34.69
N GLY A 667 -6.12 6.47 34.17
CA GLY A 667 -7.52 5.99 34.53
C GLY A 667 -8.56 6.86 33.83
N GLN A 668 -8.16 7.68 32.87
CA GLN A 668 -9.17 8.53 32.15
C GLN A 668 -9.80 7.86 30.88
N PHE A 669 -9.34 6.67 30.53
CA PHE A 669 -9.74 6.03 29.32
C PHE A 669 -9.36 4.55 29.46
N HIS A 670 -10.11 3.68 28.77
CA HIS A 670 -10.04 2.30 29.07
C HIS A 670 -10.25 1.52 27.79
N ILE A 671 -9.60 0.37 27.72
CA ILE A 671 -9.69 -0.47 26.59
C ILE A 671 -9.99 -1.83 27.07
N TYR A 672 -11.14 -2.35 26.63
CA TYR A 672 -11.48 -3.78 26.85
C TYR A 672 -11.34 -4.58 25.54
N ALA A 673 -10.86 -5.83 25.64
CA ALA A 673 -10.66 -6.70 24.48
C ALA A 673 -11.47 -7.90 24.72
N VAL A 674 -12.27 -8.35 23.72
CA VAL A 674 -13.14 -9.57 23.97
C VAL A 674 -13.01 -10.62 22.88
N GLU A 675 -13.51 -11.80 23.21
CA GLU A 675 -13.52 -12.96 22.32
C GLU A 675 -14.94 -13.22 21.86
N THR A 676 -15.93 -12.71 22.57
CA THR A 676 -17.22 -13.10 22.23
C THR A 676 -18.17 -11.94 22.40
N ALA A 677 -19.21 -11.94 21.59
CA ALA A 677 -20.30 -11.02 21.73
C ALA A 677 -20.94 -10.93 23.13
N GLU A 678 -21.21 -12.05 23.76
CA GLU A 678 -21.79 -12.01 25.08
C GLU A 678 -20.80 -11.32 26.11
N GLN A 679 -19.49 -11.53 25.94
CA GLN A 679 -18.51 -10.75 26.78
C GLN A 679 -18.69 -9.26 26.65
N ALA A 680 -18.89 -8.79 25.41
CA ALA A 680 -19.12 -7.37 25.14
C ALA A 680 -20.41 -6.88 25.71
N LEU A 681 -21.43 -7.72 25.66
CA LEU A 681 -22.64 -7.40 26.25
C LEU A 681 -22.59 -7.27 27.77
N GLU A 682 -21.83 -8.12 28.48
CA GLU A 682 -21.76 -8.07 29.96
C GLU A 682 -21.10 -6.76 30.40
N ILE A 683 -20.06 -6.33 29.66
CA ILE A 683 -19.45 -5.04 29.95
C ILE A 683 -20.50 -3.89 29.69
N LEU A 684 -21.25 -3.98 28.62
CA LEU A 684 -22.15 -2.89 28.32
C LEU A 684 -23.27 -2.84 29.25
N ALA A 685 -23.80 -3.97 29.70
CA ALA A 685 -25.04 -3.88 30.47
C ALA A 685 -24.74 -4.05 31.96
N GLY A 686 -23.43 -4.06 32.25
CA GLY A 686 -22.84 -4.04 33.60
C GLY A 686 -23.32 -5.25 34.34
N ALA A 687 -23.36 -6.41 33.66
CA ALA A 687 -23.87 -7.61 34.31
C ALA A 687 -23.43 -8.85 33.61
N ARG A 688 -23.60 -9.98 34.28
CA ARG A 688 -23.09 -11.20 33.70
C ARG A 688 -24.18 -11.94 32.98
N MET A 689 -23.86 -12.79 31.97
CA MET A 689 -24.96 -13.61 31.30
C MET A 689 -25.67 -14.57 32.28
N GLU A 690 -24.99 -15.11 33.24
CA GLU A 690 -25.71 -15.93 34.19
C GLU A 690 -25.46 -15.53 35.63
N GLY A 691 -25.26 -16.53 36.48
CA GLY A 691 -25.30 -16.29 37.92
C GLY A 691 -26.65 -15.65 38.25
N PHE A 692 -27.67 -16.06 37.49
CA PHE A 692 -28.95 -15.30 37.44
C PHE A 692 -29.28 -14.66 38.81
N ARG A 693 -29.46 -13.33 38.89
CA ARG A 693 -30.07 -12.46 37.89
C ARG A 693 -29.28 -11.99 36.63
N GLY A 694 -29.07 -12.91 35.70
CA GLY A 694 -28.18 -12.63 34.59
C GLY A 694 -28.88 -11.97 33.46
N LEU A 695 -28.11 -11.69 32.42
CA LEU A 695 -28.66 -11.03 31.27
C LEU A 695 -29.41 -12.04 30.44
N GLN A 696 -28.98 -13.28 30.52
CA GLN A 696 -29.57 -14.26 29.65
C GLN A 696 -31.04 -14.51 29.98
N GLU A 697 -31.38 -14.59 31.26
CA GLU A 697 -32.79 -14.87 31.60
C GLU A 697 -33.61 -13.66 31.15
N LYS A 698 -33.05 -12.45 31.27
CA LYS A 698 -33.83 -11.27 30.81
C LYS A 698 -34.02 -11.27 29.29
N ILE A 699 -33.08 -11.87 28.56
CA ILE A 699 -33.22 -11.92 27.11
C ILE A 699 -34.31 -12.87 26.77
N ARG A 700 -34.28 -14.05 27.41
CA ARG A 700 -35.40 -15.00 27.41
C ARG A 700 -36.76 -14.37 27.78
N ALA A 701 -36.81 -13.70 28.90
CA ALA A 701 -38.03 -13.00 29.29
C ALA A 701 -38.48 -11.99 28.24
N GLY A 702 -37.54 -11.29 27.58
CA GLY A 702 -37.96 -10.36 26.50
C GLY A 702 -38.54 -11.16 25.39
N LEU A 703 -37.83 -12.17 24.93
CA LEU A 703 -38.39 -13.00 23.80
C LEU A 703 -39.77 -13.63 24.16
N GLU A 704 -39.89 -14.25 25.32
CA GLU A 704 -41.24 -14.77 25.70
C GLU A 704 -42.36 -13.67 25.60
N ALA A 705 -42.12 -12.50 26.17
CA ALA A 705 -43.10 -11.40 26.10
C ALA A 705 -43.49 -10.99 24.65
N PHE A 706 -42.48 -10.83 23.78
CA PHE A 706 -42.65 -10.62 22.36
C PHE A 706 -43.38 -11.79 21.70
N ALA A 707 -43.07 -13.03 22.11
CA ALA A 707 -43.91 -14.16 21.70
C ALA A 707 -45.40 -14.05 22.15
N ARG A 708 -45.69 -13.62 23.33
CA ARG A 708 -47.12 -13.60 23.77
C ARG A 708 -47.90 -12.45 23.09
N LEU A 709 -47.18 -11.38 22.80
CA LEU A 709 -47.78 -10.26 22.06
C LEU A 709 -48.06 -10.63 20.61
N GLU A 710 -47.23 -11.52 20.06
CA GLU A 710 -47.49 -12.02 18.72
C GLU A 710 -48.63 -13.06 18.58
N GLU A 711 -49.36 -13.33 19.65
CA GLU A 711 -50.51 -14.25 19.64
C GLU A 711 -51.33 -13.97 20.92
N GLY A 712 -51.91 -12.77 20.98
CA GLY A 712 -52.58 -12.28 22.18
C GLY A 712 -51.76 -11.15 22.79
C1 CIX B . -18.34 10.06 2.41
C2 CIX B . -17.51 11.15 2.66
C3 CIX B . -16.13 10.99 2.59
C4 CIX B . -15.57 9.75 2.31
C5 CIX B . -16.39 8.68 2.06
C6 CIX B . -17.76 8.85 2.09
C7 CIX B . -18.63 7.70 1.89
O8 CIX B . -18.14 6.49 2.20
C9 CIX B . -17.58 6.18 3.41
O10 CIX B . -16.39 6.46 3.59
N11 CIX B . -18.33 5.44 4.22
C12 CIX B . -17.86 4.96 5.50
C17 CIX B . -17.38 3.51 5.28
O18 CIX B . -17.95 2.75 4.47
C13 CIX B . -18.89 4.97 6.58
C14 CIX B . -19.32 6.49 7.07
C15 CIX B . -18.16 7.48 7.44
C16 CIX B . -20.26 6.47 8.28
N19 CIX B . -16.37 3.19 6.05
C20 CIX B . -15.70 1.83 6.19
C25 CIX B . -15.71 1.40 7.69
O26 CIX B . -15.34 2.16 8.57
C21 CIX B . -14.33 2.03 5.87
C22 CIX B . -13.97 1.61 4.50
C23 CIX B . -12.83 2.57 4.07
C24 CIX B . -15.14 1.56 3.47
C28 CIX B . -16.39 -0.52 9.18
C29 CIX B . -17.85 -0.93 9.37
C30 CIX B . -18.90 0.19 9.26
C31 CIX B . -18.74 1.29 10.35
C32 CIX B . -20.32 -0.30 9.52
N27 CIX B . -16.25 0.23 7.90
B33 CIX B . -15.33 -1.69 9.54
O34 CIX B . -14.11 -1.16 9.60
O35 CIX B . -15.32 -2.72 8.57
P PO4 C . 9.43 3.23 -5.86
O1 PO4 C . 9.03 1.98 -5.17
O2 PO4 C . 10.75 3.25 -6.67
O3 PO4 C . 8.33 3.69 -6.77
O4 PO4 C . 9.56 4.11 -4.63
#